data_3R9C
#
_entry.id   3R9C
#
_cell.length_a   38.790
_cell.length_b   85.790
_cell.length_c   121.910
_cell.angle_alpha   90.000
_cell.angle_beta   90.000
_cell.angle_gamma   90.000
#
_symmetry.space_group_name_H-M   'P 2 21 21'
#
loop_
_entity.id
_entity.type
_entity.pdbx_description
1 polymer 'Cytochrome P450 164A2'
2 non-polymer 'PROTOPORPHYRIN IX CONTAINING FE'
3 non-polymer 1-[(2R)-2-[(4-chlorobenzyl)oxy]-2-(2,4-dichlorophenyl)ethyl]-1H-imidazole
4 non-polymer 1,2-ETHANEDIOL
5 non-polymer 'SODIUM ION'
6 water water
#
_entity_poly.entity_id   1
_entity_poly.type   'polypeptide(L)'
_entity_poly.pdbx_seq_one_letter_code
;MHNGWMSTAATAQEAQGLLLQLLDPATRADPYPIYDRIRRGGPLALPEANLAVFSSFSDCDDVLRHPSSCSDRTKSTIFQ
RQLAAETQPRPQGPASFLFLDPPDHTRLRGLVSKAFAPRVIKRLEPEITALVDQLLDAVDGPEFNLIDNLAYPLPVAVIC
RLLGVPIEDEPKFSRASALLAAALDPFLALTGETSDLFDEQMKAGMWLRDYLRALIDERRRTPGEDLMSGLVAVEESGDQ
LTEDEIIATCNLLLIAGHETTVNLIANAALAMLRTPGQWAALAADGSRASAVIEETMRYDPPVQLVSRYAGDDLTIGTHT
VPKGDTMLLLLAAAHRDPTIVGAPDRFDPDRAQIRHLGFGKGAHFCLGAPLARLEATVALPALAARFPEARLSGEPEYKR
NLTLRGMSTLSIAVHHHH
;
_entity_poly.pdbx_strand_id   A
#
# COMPACT_ATOMS: atom_id res chain seq x y z
N ALA A 15 -9.50 -22.92 -10.24
CA ALA A 15 -8.65 -21.71 -10.31
C ALA A 15 -9.49 -20.44 -10.26
N GLN A 16 -10.45 -20.34 -11.18
CA GLN A 16 -11.37 -19.21 -11.25
C GLN A 16 -12.21 -19.11 -9.97
N GLY A 17 -12.65 -20.27 -9.46
CA GLY A 17 -13.45 -20.36 -8.25
C GLY A 17 -12.75 -19.81 -7.02
N LEU A 18 -11.52 -20.25 -6.80
CA LEU A 18 -10.72 -19.82 -5.64
C LEU A 18 -10.44 -18.32 -5.63
N LEU A 19 -10.15 -17.77 -6.81
CA LEU A 19 -9.90 -16.33 -6.95
C LEU A 19 -11.17 -15.50 -6.71
N LEU A 20 -12.31 -16.01 -7.14
CA LEU A 20 -13.59 -15.35 -6.91
C LEU A 20 -13.98 -15.35 -5.43
N GLN A 21 -13.59 -16.41 -4.71
CA GLN A 21 -13.74 -16.46 -3.25
C GLN A 21 -12.86 -15.41 -2.58
N LEU A 22 -11.66 -15.23 -3.11
CA LEU A 22 -10.72 -14.24 -2.61
C LEU A 22 -11.23 -12.81 -2.83
N LEU A 23 -11.91 -12.60 -3.96
CA LEU A 23 -12.50 -11.30 -4.29
C LEU A 23 -13.75 -10.98 -3.47
N ASP A 24 -14.50 -12.03 -3.12
CA ASP A 24 -15.71 -11.90 -2.31
C ASP A 24 -15.40 -11.08 -1.05
N PRO A 25 -16.12 -9.95 -0.86
CA PRO A 25 -15.95 -9.06 0.30
C PRO A 25 -16.16 -9.74 1.66
N ALA A 26 -16.95 -10.82 1.68
CA ALA A 26 -17.21 -11.58 2.92
C ALA A 26 -15.97 -12.29 3.48
N THR A 27 -14.93 -12.44 2.64
CA THR A 27 -13.72 -13.13 3.06
C THR A 27 -12.58 -12.17 3.45
N ARG A 28 -12.85 -10.87 3.33
CA ARG A 28 -11.84 -9.85 3.59
C ARG A 28 -11.33 -9.88 5.04
N ALA A 29 -12.22 -10.22 5.97
CA ALA A 29 -11.87 -10.35 7.39
C ALA A 29 -10.80 -11.41 7.64
N ASP A 30 -10.88 -12.53 6.91
CA ASP A 30 -9.90 -13.60 7.01
C ASP A 30 -9.69 -14.29 5.65
N PRO A 31 -8.79 -13.74 4.81
CA PRO A 31 -8.53 -14.30 3.48
C PRO A 31 -7.46 -15.40 3.49
N TYR A 32 -6.85 -15.62 4.64
CA TYR A 32 -5.65 -16.46 4.73
C TYR A 32 -5.85 -17.97 4.49
N PRO A 33 -6.99 -18.55 4.93
CA PRO A 33 -7.26 -19.93 4.50
C PRO A 33 -7.32 -20.07 2.97
N ILE A 34 -7.90 -19.08 2.29
CA ILE A 34 -7.94 -19.07 0.81
C ILE A 34 -6.54 -18.88 0.21
N TYR A 35 -5.79 -17.91 0.74
CA TYR A 35 -4.41 -17.65 0.32
C TYR A 35 -3.52 -18.90 0.42
N ASP A 36 -3.62 -19.59 1.57
CA ASP A 36 -2.86 -20.81 1.79
C ASP A 36 -3.30 -21.92 0.84
N ARG A 37 -4.61 -22.00 0.59
CA ARG A 37 -5.15 -22.97 -0.35
C ARG A 37 -4.66 -22.72 -1.77
N ILE A 38 -4.59 -21.45 -2.17
CA ILE A 38 -4.07 -21.06 -3.49
C ILE A 38 -2.59 -21.42 -3.61
N ARG A 39 -1.81 -21.12 -2.58
CA ARG A 39 -0.38 -21.42 -2.57
C ARG A 39 -0.11 -22.91 -2.70
N ARG A 40 -0.85 -23.71 -1.92
CA ARG A 40 -0.71 -25.17 -1.93
CA ARG A 40 -0.71 -25.17 -1.93
C ARG A 40 -1.08 -25.77 -3.29
N GLY A 41 -1.96 -25.09 -4.02
CA GLY A 41 -2.38 -25.54 -5.35
C GLY A 41 -1.39 -25.23 -6.46
N GLY A 42 -0.39 -24.40 -6.15
CA GLY A 42 0.65 -24.04 -7.13
C GLY A 42 0.29 -22.84 -7.99
N PRO A 43 1.20 -22.46 -8.91
CA PRO A 43 0.96 -21.32 -9.80
C PRO A 43 -0.26 -21.56 -10.70
N LEU A 44 -1.08 -20.52 -10.85
CA LEU A 44 -2.28 -20.60 -11.69
C LEU A 44 -2.00 -20.02 -13.07
N ALA A 45 -2.05 -20.88 -14.08
CA ALA A 45 -1.83 -20.50 -15.47
C ALA A 45 -3.17 -20.28 -16.16
N LEU A 46 -3.50 -19.02 -16.44
CA LEU A 46 -4.74 -18.68 -17.10
C LEU A 46 -4.50 -17.80 -18.35
N PRO A 47 -3.89 -18.40 -19.40
CA PRO A 47 -3.58 -17.66 -20.63
C PRO A 47 -4.82 -17.11 -21.36
N GLU A 48 -5.97 -17.71 -21.09
CA GLU A 48 -7.24 -17.29 -21.66
C GLU A 48 -7.71 -15.92 -21.15
N ALA A 49 -7.31 -15.59 -19.92
CA ALA A 49 -7.62 -14.30 -19.32
C ALA A 49 -6.38 -13.41 -19.23
N ASN A 50 -5.37 -13.75 -20.01
CA ASN A 50 -4.06 -13.07 -20.01
C ASN A 50 -3.47 -12.89 -18.59
N LEU A 51 -3.62 -13.94 -17.78
CA LEU A 51 -3.33 -13.86 -16.35
C LEU A 51 -2.53 -15.05 -15.83
N ALA A 52 -1.54 -14.76 -15.01
CA ALA A 52 -0.85 -15.78 -14.23
C ALA A 52 -0.81 -15.33 -12.77
N VAL A 53 -1.07 -16.27 -11.86
CA VAL A 53 -1.12 -15.95 -10.43
C VAL A 53 -0.11 -16.78 -9.63
N PHE A 54 0.85 -16.08 -9.03
CA PHE A 54 1.90 -16.70 -8.22
C PHE A 54 1.69 -16.40 -6.74
N SER A 55 2.05 -17.36 -5.89
CA SER A 55 1.67 -17.30 -4.48
C SER A 55 2.73 -17.87 -3.53
N SER A 56 3.68 -18.63 -4.07
CA SER A 56 4.80 -19.12 -3.26
C SER A 56 5.87 -18.02 -3.16
N PHE A 57 6.67 -18.08 -2.10
CA PHE A 57 7.72 -17.07 -1.90
C PHE A 57 8.73 -17.10 -3.05
N SER A 58 9.15 -18.30 -3.44
CA SER A 58 10.07 -18.50 -4.57
C SER A 58 9.59 -17.83 -5.85
N ASP A 59 8.35 -18.13 -6.25
CA ASP A 59 7.76 -17.61 -7.48
C ASP A 59 7.59 -16.09 -7.46
N CYS A 60 7.08 -15.56 -6.34
CA CYS A 60 6.91 -14.12 -6.21
C CYS A 60 8.25 -13.38 -6.24
N ASP A 61 9.23 -13.91 -5.52
CA ASP A 61 10.60 -13.39 -5.52
C ASP A 61 11.17 -13.34 -6.94
N ASP A 62 11.05 -14.46 -7.66
CA ASP A 62 11.54 -14.59 -9.02
C ASP A 62 10.94 -13.54 -9.97
N VAL A 63 9.62 -13.36 -9.89
CA VAL A 63 8.94 -12.35 -10.73
C VAL A 63 9.43 -10.94 -10.43
N LEU A 64 9.56 -10.61 -9.14
CA LEU A 64 10.08 -9.32 -8.74
C LEU A 64 11.53 -9.09 -9.17
N ARG A 65 12.27 -10.17 -9.39
CA ARG A 65 13.67 -10.13 -9.82
C ARG A 65 13.86 -10.14 -11.33
N HIS A 66 12.93 -10.80 -12.03
CA HIS A 66 13.07 -11.09 -13.45
C HIS A 66 13.28 -9.82 -14.28
N PRO A 67 14.36 -9.79 -15.07
CA PRO A 67 14.68 -8.67 -15.98
C PRO A 67 13.59 -8.35 -16.99
N SER A 68 12.73 -9.32 -17.29
CA SER A 68 11.63 -9.14 -18.25
C SER A 68 10.33 -8.62 -17.60
N SER A 69 10.29 -8.59 -16.27
CA SER A 69 9.11 -8.10 -15.54
C SER A 69 8.96 -6.59 -15.61
N CYS A 70 7.83 -6.15 -16.15
CA CYS A 70 7.58 -4.73 -16.37
C CYS A 70 6.47 -4.21 -15.47
N SER A 71 6.59 -2.94 -15.09
CA SER A 71 5.56 -2.25 -14.32
C SER A 71 4.76 -1.30 -15.21
N ASP A 72 5.31 -0.99 -16.39
CA ASP A 72 4.67 -0.09 -17.34
C ASP A 72 3.46 -0.74 -18.00
N ARG A 73 2.34 -0.03 -17.98
CA ARG A 73 1.04 -0.54 -18.46
C ARG A 73 0.97 -0.79 -19.97
N THR A 74 1.77 -0.05 -20.74
CA THR A 74 1.75 -0.16 -22.21
C THR A 74 2.00 -1.58 -22.71
N LYS A 75 2.79 -2.33 -21.94
CA LYS A 75 3.13 -3.71 -22.30
C LYS A 75 2.12 -4.75 -21.79
N SER A 76 1.08 -4.28 -21.09
CA SER A 76 -0.01 -5.14 -20.65
C SER A 76 -1.02 -5.37 -21.78
N THR A 77 -1.34 -6.64 -22.02
CA THR A 77 -2.37 -7.00 -23.02
C THR A 77 -3.76 -6.55 -22.56
N ILE A 78 -4.05 -6.75 -21.28
CA ILE A 78 -5.32 -6.35 -20.68
C ILE A 78 -5.54 -4.84 -20.78
N PHE A 79 -4.48 -4.07 -20.50
CA PHE A 79 -4.53 -2.61 -20.65
C PHE A 79 -4.82 -2.18 -22.08
N GLN A 80 -4.20 -2.86 -23.05
CA GLN A 80 -4.42 -2.57 -24.47
C GLN A 80 -5.83 -2.92 -24.93
N ARG A 81 -6.36 -4.03 -24.42
CA ARG A 81 -7.74 -4.43 -24.71
C ARG A 81 -8.76 -3.46 -24.11
N GLN A 82 -8.52 -3.05 -22.86
CA GLN A 82 -9.40 -2.11 -22.15
C GLN A 82 -9.47 -0.76 -22.89
N LEU A 83 -8.32 -0.27 -23.34
CA LEU A 83 -8.22 0.98 -24.10
C LEU A 83 -8.96 0.92 -25.44
N ALA A 84 -8.89 -0.23 -26.10
CA ALA A 84 -9.56 -0.43 -27.39
C ALA A 84 -11.08 -0.43 -27.26
N ALA A 85 -11.57 -0.98 -26.15
CA ALA A 85 -13.01 -1.11 -25.89
C ALA A 85 -13.68 0.19 -25.41
N GLU A 86 -12.88 1.12 -24.89
CA GLU A 86 -13.40 2.39 -24.35
C GLU A 86 -13.96 3.31 -25.43
N THR A 87 -15.12 3.91 -25.13
CA THR A 87 -15.84 4.75 -26.11
C THR A 87 -15.56 6.25 -25.95
N GLN A 88 -14.59 6.57 -25.09
CA GLN A 88 -14.15 7.94 -24.89
C GLN A 88 -12.66 7.99 -24.58
N PRO A 89 -12.01 9.15 -24.84
CA PRO A 89 -10.62 9.26 -24.42
C PRO A 89 -10.56 9.36 -22.89
N ARG A 90 -9.52 8.76 -22.31
CA ARG A 90 -9.29 8.90 -20.88
C ARG A 90 -8.89 10.35 -20.59
N PRO A 91 -9.30 10.87 -19.42
CA PRO A 91 -8.94 12.25 -19.06
C PRO A 91 -7.43 12.44 -19.04
N GLN A 92 -7.00 13.67 -19.32
CA GLN A 92 -5.58 14.01 -19.28
CA GLN A 92 -5.58 14.03 -19.28
C GLN A 92 -5.03 13.80 -17.87
N GLY A 93 -3.76 13.38 -17.79
CA GLY A 93 -3.10 13.19 -16.51
C GLY A 93 -2.49 11.81 -16.34
N PRO A 94 -1.47 11.71 -15.47
CA PRO A 94 -0.77 10.46 -15.16
C PRO A 94 -1.67 9.38 -14.53
N ALA A 95 -2.74 9.79 -13.85
CA ALA A 95 -3.70 8.87 -13.24
C ALA A 95 -4.37 7.97 -14.28
N SER A 96 -4.62 8.52 -15.46
CA SER A 96 -5.14 7.76 -16.60
C SER A 96 -4.01 7.11 -17.37
N PHE A 97 -2.90 7.83 -17.55
CA PHE A 97 -1.78 7.37 -18.37
C PHE A 97 -0.53 8.23 -18.21
N LEU A 98 0.61 7.58 -17.95
CA LEU A 98 1.93 8.20 -18.04
C LEU A 98 3.00 7.15 -18.34
N PHE A 99 3.59 7.24 -19.53
CA PHE A 99 4.69 6.37 -19.91
C PHE A 99 5.98 6.79 -19.22
N LEU A 100 6.70 5.80 -18.69
CA LEU A 100 8.03 5.99 -18.13
C LEU A 100 8.92 4.82 -18.52
N ASP A 101 10.01 5.10 -19.23
CA ASP A 101 11.02 4.08 -19.51
C ASP A 101 11.89 3.87 -18.26
N PRO A 102 12.65 2.75 -18.20
CA PRO A 102 13.49 2.50 -17.02
C PRO A 102 14.34 3.68 -16.54
N PRO A 103 14.99 4.43 -17.46
CA PRO A 103 15.73 5.63 -17.01
C PRO A 103 14.86 6.72 -16.37
N ASP A 104 13.66 6.95 -16.89
CA ASP A 104 12.70 7.90 -16.29
C ASP A 104 12.43 7.51 -14.85
N HIS A 105 12.14 6.23 -14.67
CA HIS A 105 11.80 5.65 -13.38
C HIS A 105 12.94 5.76 -12.36
N THR A 106 14.15 5.43 -12.81
CA THR A 106 15.36 5.55 -11.99
C THR A 106 15.60 7.00 -11.55
N ARG A 107 15.41 7.92 -12.48
CA ARG A 107 15.57 9.35 -12.24
C ARG A 107 14.57 9.87 -11.19
N LEU A 108 13.33 9.43 -11.28
CA LEU A 108 12.28 9.81 -10.32
C LEU A 108 12.54 9.24 -8.92
N ARG A 109 12.91 7.97 -8.86
CA ARG A 109 13.27 7.32 -7.59
C ARG A 109 14.43 8.02 -6.89
N GLY A 110 15.45 8.38 -7.68
CA GLY A 110 16.62 9.08 -7.16
C GLY A 110 16.28 10.37 -6.46
N LEU A 111 15.40 11.16 -7.07
CA LEU A 111 14.95 12.44 -6.51
C LEU A 111 14.12 12.25 -5.24
N VAL A 112 13.19 11.30 -5.28
CA VAL A 112 12.29 11.02 -4.15
C VAL A 112 13.01 10.35 -2.97
N SER A 113 13.96 9.46 -3.27
CA SER A 113 14.67 8.70 -2.23
C SER A 113 15.49 9.57 -1.29
N LYS A 114 15.97 10.72 -1.78
CA LYS A 114 16.72 11.64 -0.94
C LYS A 114 15.85 12.29 0.12
N ALA A 115 14.61 12.61 -0.25
CA ALA A 115 13.64 13.17 0.69
C ALA A 115 13.07 12.13 1.65
N PHE A 116 13.12 10.86 1.25
CA PHE A 116 12.57 9.78 2.07
C PHE A 116 13.62 8.88 2.74
N ALA A 117 14.89 9.29 2.63
CA ALA A 117 15.99 8.59 3.30
C ALA A 117 15.73 8.52 4.81
N PRO A 118 16.06 7.37 5.45
CA PRO A 118 15.79 7.15 6.87
C PRO A 118 16.28 8.27 7.79
N ARG A 119 17.43 8.87 7.49
CA ARG A 119 17.98 9.95 8.32
C ARG A 119 17.27 11.30 8.14
N VAL A 120 16.63 11.47 6.97
CA VAL A 120 15.81 12.65 6.70
C VAL A 120 14.45 12.46 7.38
N ILE A 121 13.87 11.28 7.18
CA ILE A 121 12.59 10.91 7.79
C ILE A 121 12.66 10.92 9.32
N LYS A 122 13.78 10.46 9.87
CA LYS A 122 14.03 10.45 11.32
C LYS A 122 13.72 11.80 11.99
N ARG A 123 13.97 12.89 11.27
CA ARG A 123 13.73 14.24 11.78
C ARG A 123 12.24 14.56 11.99
N LEU A 124 11.37 13.68 11.52
CA LEU A 124 9.93 13.84 11.73
C LEU A 124 9.45 13.22 13.03
N GLU A 125 10.34 12.53 13.75
CA GLU A 125 9.96 11.83 14.98
C GLU A 125 9.33 12.73 16.06
N PRO A 126 9.95 13.90 16.37
CA PRO A 126 9.34 14.80 17.35
C PRO A 126 7.90 15.20 17.00
N GLU A 127 7.67 15.57 15.74
CA GLU A 127 6.34 15.91 15.25
C GLU A 127 5.38 14.73 15.39
N ILE A 128 5.83 13.55 14.98
CA ILE A 128 5.04 12.33 15.07
C ILE A 128 4.72 11.97 16.54
N THR A 129 5.71 12.14 17.42
CA THR A 129 5.54 11.84 18.84
C THR A 129 4.52 12.78 19.49
N ALA A 130 4.59 14.07 19.17
CA ALA A 130 3.63 15.05 19.68
C ALA A 130 2.23 14.76 19.15
N LEU A 131 2.16 14.37 17.88
CA LEU A 131 0.91 13.99 17.21
C LEU A 131 0.27 12.76 17.87
N VAL A 132 1.08 11.73 18.09
CA VAL A 132 0.63 10.50 18.77
C VAL A 132 0.13 10.81 20.19
N ASP A 133 0.87 11.64 20.91
CA ASP A 133 0.51 12.03 22.27
C ASP A 133 -0.83 12.77 22.32
N GLN A 134 -1.01 13.73 21.41
CA GLN A 134 -2.25 14.50 21.30
C GLN A 134 -3.46 13.64 20.92
N LEU A 135 -3.26 12.74 19.97
CA LEU A 135 -4.33 11.84 19.53
C LEU A 135 -4.75 10.90 20.66
N LEU A 136 -3.77 10.33 21.36
CA LEU A 136 -4.04 9.47 22.51
C LEU A 136 -4.69 10.23 23.67
N ASP A 137 -4.26 11.48 23.87
CA ASP A 137 -4.87 12.37 24.87
C ASP A 137 -6.36 12.59 24.62
N ALA A 138 -6.76 12.52 23.35
CA ALA A 138 -8.14 12.76 22.94
C ALA A 138 -9.03 11.51 23.03
N VAL A 139 -8.42 10.35 23.24
CA VAL A 139 -9.15 9.08 23.29
C VAL A 139 -10.01 8.96 24.55
N ASP A 140 -11.28 8.60 24.35
CA ASP A 140 -12.21 8.37 25.45
C ASP A 140 -12.68 6.92 25.49
N GLY A 141 -12.92 6.41 26.71
CA GLY A 141 -13.56 5.12 26.90
C GLY A 141 -15.07 5.24 26.83
N PRO A 142 -15.81 4.12 27.04
CA PRO A 142 -15.31 2.77 27.33
C PRO A 142 -14.74 2.04 26.12
N GLU A 143 -15.17 2.40 24.92
CA GLU A 143 -14.66 1.83 23.67
C GLU A 143 -14.39 2.91 22.64
N PHE A 144 -13.35 2.71 21.84
CA PHE A 144 -13.04 3.66 20.77
C PHE A 144 -12.62 2.95 19.50
N ASN A 145 -12.81 3.65 18.37
CA ASN A 145 -12.35 3.17 17.07
C ASN A 145 -10.90 3.60 16.83
N LEU A 146 -10.00 2.63 16.90
CA LEU A 146 -8.58 2.88 16.66
C LEU A 146 -8.32 3.54 15.30
N ILE A 147 -9.08 3.13 14.28
CA ILE A 147 -8.97 3.72 12.95
C ILE A 147 -9.18 5.24 13.01
N ASP A 148 -10.32 5.66 13.54
CA ASP A 148 -10.68 7.09 13.60
C ASP A 148 -9.78 7.91 14.53
N ASN A 149 -9.36 7.31 15.64
CA ASN A 149 -8.66 8.03 16.70
C ASN A 149 -7.15 8.12 16.53
N LEU A 150 -6.54 7.12 15.88
CA LEU A 150 -5.08 7.08 15.77
C LEU A 150 -4.56 6.58 14.43
N ALA A 151 -4.96 5.36 14.05
CA ALA A 151 -4.38 4.69 12.88
C ALA A 151 -4.50 5.50 11.59
N TYR A 152 -5.66 6.10 11.36
CA TYR A 152 -5.88 6.88 10.15
C TYR A 152 -5.34 8.33 10.22
N PRO A 153 -5.71 9.10 11.27
CA PRO A 153 -5.33 10.53 11.27
C PRO A 153 -3.84 10.85 11.42
N LEU A 154 -3.06 9.92 12.00
CA LEU A 154 -1.63 10.16 12.17
C LEU A 154 -0.86 10.25 10.85
N PRO A 155 -0.90 9.20 10.00
CA PRO A 155 -0.19 9.27 8.73
C PRO A 155 -0.77 10.29 7.75
N VAL A 156 -2.05 10.61 7.90
CA VAL A 156 -2.70 11.66 7.10
C VAL A 156 -2.12 13.03 7.45
N ALA A 157 -1.99 13.31 8.74
CA ALA A 157 -1.43 14.58 9.20
C ALA A 157 0.03 14.75 8.77
N VAL A 158 0.80 13.65 8.80
CA VAL A 158 2.19 13.66 8.36
C VAL A 158 2.31 13.93 6.85
N ILE A 159 1.52 13.24 6.04
CA ILE A 159 1.58 13.41 4.58
C ILE A 159 1.08 14.79 4.11
N CYS A 160 0.05 15.31 4.78
CA CYS A 160 -0.48 16.63 4.46
C CYS A 160 0.54 17.73 4.70
N ARG A 161 1.29 17.63 5.80
CA ARG A 161 2.32 18.61 6.11
C ARG A 161 3.53 18.45 5.19
N LEU A 162 3.87 17.21 4.88
CA LEU A 162 5.03 16.90 4.02
C LEU A 162 4.81 17.39 2.59
N LEU A 163 3.59 17.25 2.08
CA LEU A 163 3.23 17.71 0.74
C LEU A 163 2.69 19.14 0.72
N GLY A 164 2.58 19.76 1.90
CA GLY A 164 2.08 21.13 2.03
C GLY A 164 0.62 21.30 1.67
N VAL A 165 -0.16 20.22 1.84
CA VAL A 165 -1.59 20.23 1.56
C VAL A 165 -2.33 20.83 2.76
N PRO A 166 -3.20 21.84 2.52
CA PRO A 166 -4.00 22.44 3.58
C PRO A 166 -4.96 21.44 4.21
N ILE A 167 -5.02 21.45 5.55
CA ILE A 167 -5.85 20.51 6.30
C ILE A 167 -7.35 20.71 6.05
N GLU A 168 -7.72 21.91 5.61
CA GLU A 168 -9.11 22.24 5.26
C GLU A 168 -9.63 21.42 4.07
N ASP A 169 -8.72 21.05 3.16
CA ASP A 169 -9.07 20.28 1.97
C ASP A 169 -8.92 18.77 2.18
N GLU A 170 -8.47 18.37 3.37
CA GLU A 170 -8.25 16.96 3.68
C GLU A 170 -9.46 16.04 3.41
N PRO A 171 -10.68 16.44 3.84
CA PRO A 171 -11.83 15.60 3.53
C PRO A 171 -11.94 15.22 2.04
N LYS A 172 -11.55 16.12 1.15
CA LYS A 172 -11.59 15.87 -0.29
C LYS A 172 -10.42 14.97 -0.73
N PHE A 173 -9.26 15.15 -0.10
CA PHE A 173 -8.10 14.30 -0.33
C PHE A 173 -8.32 12.89 0.21
N SER A 174 -9.07 12.80 1.31
CA SER A 174 -9.46 11.52 1.91
C SER A 174 -10.38 10.74 0.97
N ARG A 175 -11.33 11.46 0.34
CA ARG A 175 -12.26 10.85 -0.60
CA ARG A 175 -12.27 10.86 -0.60
C ARG A 175 -11.55 10.32 -1.83
N ALA A 176 -10.70 11.16 -2.43
CA ALA A 176 -9.96 10.78 -3.64
C ALA A 176 -8.99 9.62 -3.41
N SER A 177 -8.29 9.63 -2.27
CA SER A 177 -7.32 8.57 -1.92
C SER A 177 -8.00 7.23 -1.69
N ALA A 178 -9.13 7.24 -0.98
CA ALA A 178 -9.93 6.04 -0.76
C ALA A 178 -10.41 5.43 -2.07
N LEU A 179 -10.90 6.30 -2.97
CA LEU A 179 -11.38 5.86 -4.28
C LEU A 179 -10.27 5.30 -5.17
N LEU A 180 -9.12 5.98 -5.19
CA LEU A 180 -8.00 5.58 -6.03
C LEU A 180 -7.22 4.39 -5.45
N ALA A 181 -7.28 4.22 -4.13
CA ALA A 181 -6.66 3.07 -3.48
C ALA A 181 -7.40 1.78 -3.82
N ALA A 182 -8.73 1.89 -3.97
CA ALA A 182 -9.58 0.78 -4.35
C ALA A 182 -9.42 0.41 -5.83
N ALA A 183 -9.12 1.42 -6.65
CA ALA A 183 -8.92 1.24 -8.10
C ALA A 183 -7.76 0.31 -8.43
N LEU A 184 -6.87 0.10 -7.46
CA LEU A 184 -5.71 -0.75 -7.63
C LEU A 184 -6.03 -2.24 -7.50
N ASP A 185 -7.27 -2.55 -7.16
CA ASP A 185 -7.74 -3.95 -7.11
C ASP A 185 -7.82 -4.53 -8.52
N PRO A 186 -7.28 -5.74 -8.73
CA PRO A 186 -7.24 -6.36 -10.05
C PRO A 186 -8.59 -6.93 -10.49
N PHE A 187 -9.60 -6.08 -10.50
CA PHE A 187 -10.97 -6.50 -10.83
C PHE A 187 -11.10 -6.91 -12.30
N LEU A 188 -10.47 -6.12 -13.18
CA LEU A 188 -10.51 -6.39 -14.62
C LEU A 188 -9.79 -7.69 -15.00
N ALA A 189 -8.67 -7.96 -14.34
CA ALA A 189 -7.89 -9.16 -14.60
C ALA A 189 -8.56 -10.44 -14.09
N LEU A 190 -9.40 -10.30 -13.06
CA LEU A 190 -10.00 -11.46 -12.39
C LEU A 190 -11.46 -11.74 -12.78
N THR A 191 -12.23 -10.67 -13.05
CA THR A 191 -13.65 -10.82 -13.39
C THR A 191 -13.93 -10.66 -14.88
N GLY A 192 -13.04 -9.96 -15.59
CA GLY A 192 -13.20 -9.69 -17.01
C GLY A 192 -13.84 -8.34 -17.28
N GLU A 193 -14.38 -7.72 -16.23
CA GLU A 193 -15.03 -6.41 -16.34
C GLU A 193 -14.49 -5.41 -15.33
N THR A 194 -14.75 -4.13 -15.58
CA THR A 194 -14.25 -3.04 -14.72
C THR A 194 -15.04 -2.89 -13.42
N SER A 195 -14.51 -2.10 -12.50
CA SER A 195 -15.12 -1.84 -11.20
C SER A 195 -16.42 -1.04 -11.32
N ASP A 196 -17.30 -1.19 -10.33
CA ASP A 196 -18.54 -0.42 -10.25
C ASP A 196 -18.30 1.01 -9.77
N LEU A 197 -17.09 1.25 -9.26
CA LEU A 197 -16.67 2.58 -8.81
C LEU A 197 -15.83 3.30 -9.86
N PHE A 198 -15.78 2.73 -11.07
CA PHE A 198 -14.95 3.23 -12.16
C PHE A 198 -15.15 4.71 -12.45
N ASP A 199 -16.41 5.14 -12.52
CA ASP A 199 -16.75 6.54 -12.80
C ASP A 199 -16.23 7.49 -11.73
N GLU A 200 -16.44 7.12 -10.46
CA GLU A 200 -16.00 7.93 -9.32
C GLU A 200 -14.49 8.00 -9.23
N GLN A 201 -13.83 6.90 -9.59
CA GLN A 201 -12.36 6.82 -9.59
C GLN A 201 -11.77 7.71 -10.67
N MET A 202 -12.43 7.77 -11.82
CA MET A 202 -12.06 8.67 -12.91
C MET A 202 -12.17 10.13 -12.48
N LYS A 203 -13.27 10.46 -11.81
CA LYS A 203 -13.52 11.82 -11.33
C LYS A 203 -12.53 12.24 -10.25
N ALA A 204 -12.23 11.32 -9.33
CA ALA A 204 -11.26 11.56 -8.27
C ALA A 204 -9.87 11.84 -8.85
N GLY A 205 -9.50 11.08 -9.89
CA GLY A 205 -8.25 11.30 -10.62
C GLY A 205 -8.21 12.65 -11.30
N MET A 206 -9.35 13.06 -11.87
CA MET A 206 -9.46 14.37 -12.50
C MET A 206 -9.32 15.51 -11.49
N TRP A 207 -10.05 15.40 -10.38
CA TRP A 207 -10.02 16.43 -9.34
C TRP A 207 -8.63 16.61 -8.72
N LEU A 208 -7.97 15.49 -8.42
CA LEU A 208 -6.63 15.51 -7.86
C LEU A 208 -5.62 16.19 -8.79
N ARG A 209 -5.69 15.82 -10.07
CA ARG A 209 -4.83 16.42 -11.10
C ARG A 209 -4.98 17.95 -11.12
N ASP A 210 -6.22 18.42 -11.21
CA ASP A 210 -6.52 19.86 -11.27
C ASP A 210 -6.08 20.60 -10.01
N TYR A 211 -6.29 19.96 -8.85
CA TYR A 211 -5.91 20.55 -7.57
C TYR A 211 -4.39 20.66 -7.45
N LEU A 212 -3.69 19.55 -7.71
CA LEU A 212 -2.23 19.53 -7.64
C LEU A 212 -1.58 20.47 -8.65
N ARG A 213 -2.17 20.56 -9.84
CA ARG A 213 -1.71 21.52 -10.85
C ARG A 213 -1.82 22.96 -10.34
N ALA A 214 -2.94 23.28 -9.69
CA ALA A 214 -3.14 24.59 -9.07
C ALA A 214 -2.14 24.84 -7.94
N LEU A 215 -1.90 23.82 -7.12
CA LEU A 215 -0.94 23.91 -6.02
C LEU A 215 0.50 24.08 -6.52
N ILE A 216 0.85 23.35 -7.58
CA ILE A 216 2.17 23.50 -8.23
C ILE A 216 2.44 24.94 -8.69
N ASP A 217 1.43 25.56 -9.30
CA ASP A 217 1.52 26.94 -9.75
C ASP A 217 1.70 27.92 -8.58
N GLU A 218 0.95 27.68 -7.50
CA GLU A 218 1.06 28.50 -6.29
C GLU A 218 2.47 28.39 -5.69
N ARG A 219 3.05 27.19 -5.72
CA ARG A 219 4.40 26.96 -5.19
C ARG A 219 5.50 27.52 -6.09
N ARG A 220 5.20 27.75 -7.36
CA ARG A 220 6.11 28.46 -8.26
C ARG A 220 6.25 29.91 -7.82
N ARG A 221 5.11 30.57 -7.63
CA ARG A 221 5.09 31.98 -7.18
C ARG A 221 5.60 32.10 -5.75
N THR A 222 5.09 31.23 -4.87
CA THR A 222 5.35 31.31 -3.44
C THR A 222 5.68 29.93 -2.86
N PRO A 223 6.96 29.50 -2.99
CA PRO A 223 7.37 28.19 -2.49
C PRO A 223 7.36 28.08 -0.97
N GLY A 224 7.06 26.89 -0.47
CA GLY A 224 7.12 26.59 0.96
C GLY A 224 8.31 25.70 1.27
N GLU A 225 8.30 25.10 2.47
CA GLU A 225 9.36 24.18 2.89
C GLU A 225 8.96 22.71 2.68
N ASP A 226 7.81 22.50 2.05
CA ASP A 226 7.27 21.17 1.81
C ASP A 226 7.95 20.48 0.62
N LEU A 227 7.70 19.17 0.51
CA LEU A 227 8.27 18.35 -0.57
C LEU A 227 7.81 18.77 -1.97
N MET A 228 6.54 19.11 -2.10
CA MET A 228 6.01 19.60 -3.37
C MET A 228 6.79 20.83 -3.86
N SER A 229 6.99 21.80 -2.96
CA SER A 229 7.78 23.00 -3.27
C SER A 229 9.21 22.66 -3.67
N GLY A 230 9.76 21.61 -3.04
CA GLY A 230 11.10 21.11 -3.36
C GLY A 230 11.18 20.55 -4.77
N LEU A 231 10.16 19.78 -5.15
CA LEU A 231 10.06 19.20 -6.48
C LEU A 231 9.86 20.27 -7.57
N VAL A 232 9.08 21.29 -7.26
CA VAL A 232 8.85 22.41 -8.18
C VAL A 232 10.18 23.14 -8.49
N ALA A 233 11.01 23.33 -7.47
CA ALA A 233 12.32 23.98 -7.63
C ALA A 233 13.25 23.19 -8.56
N VAL A 234 13.19 21.86 -8.47
CA VAL A 234 13.95 20.97 -9.36
C VAL A 234 13.39 21.02 -10.77
N GLU A 235 12.05 21.09 -10.88
CA GLU A 235 11.35 21.23 -12.15
C GLU A 235 11.68 22.56 -12.83
N GLU A 236 11.81 23.61 -12.02
CA GLU A 236 12.08 24.96 -12.52
C GLU A 236 13.55 25.17 -12.90
N SER A 237 14.44 24.37 -12.32
CA SER A 237 15.88 24.51 -12.53
C SER A 237 16.41 23.80 -13.79
N GLY A 238 15.67 22.79 -14.25
CA GLY A 238 16.06 22.05 -15.45
C GLY A 238 15.03 21.02 -15.87
N ASP A 239 15.24 20.42 -17.04
CA ASP A 239 14.31 19.44 -17.60
C ASP A 239 14.31 18.08 -16.88
N GLN A 240 15.11 17.98 -15.82
CA GLN A 240 15.21 16.77 -14.98
C GLN A 240 13.89 16.33 -14.33
N LEU A 241 12.86 17.17 -14.47
CA LEU A 241 11.55 16.90 -13.88
C LEU A 241 10.47 17.72 -14.59
N THR A 242 9.38 17.06 -14.97
CA THR A 242 8.23 17.73 -15.58
C THR A 242 7.10 17.91 -14.56
N GLU A 243 6.15 18.79 -14.88
CA GLU A 243 4.98 18.99 -14.03
C GLU A 243 4.14 17.71 -13.90
N ASP A 244 3.97 17.00 -15.01
CA ASP A 244 3.21 15.74 -15.00
C ASP A 244 3.84 14.70 -14.07
N GLU A 245 5.16 14.62 -14.10
CA GLU A 245 5.91 13.73 -13.20
C GLU A 245 5.75 14.13 -11.74
N ILE A 246 5.64 15.43 -11.46
CA ILE A 246 5.36 15.90 -10.10
C ILE A 246 3.95 15.48 -9.66
N ILE A 247 2.99 15.62 -10.57
CA ILE A 247 1.60 15.24 -10.28
C ILE A 247 1.48 13.72 -10.03
N ALA A 248 2.16 12.93 -10.86
CA ALA A 248 2.20 11.48 -10.70
C ALA A 248 2.82 11.08 -9.36
N THR A 249 3.95 11.71 -9.03
CA THR A 249 4.65 11.45 -7.78
C THR A 249 3.76 11.80 -6.58
N CYS A 250 3.13 12.97 -6.63
CA CYS A 250 2.28 13.45 -5.55
C CYS A 250 0.99 12.65 -5.39
N ASN A 251 0.45 12.14 -6.50
CA ASN A 251 -0.66 11.19 -6.46
C ASN A 251 -0.28 9.93 -5.70
N LEU A 252 0.87 9.36 -6.04
CA LEU A 252 1.38 8.17 -5.38
C LEU A 252 1.56 8.40 -3.88
N LEU A 253 2.26 9.47 -3.54
CA LEU A 253 2.58 9.79 -2.14
C LEU A 253 1.34 10.08 -1.29
N LEU A 254 0.37 10.78 -1.88
CA LEU A 254 -0.85 11.17 -1.18
C LEU A 254 -1.70 9.96 -0.83
N ILE A 255 -1.79 9.00 -1.77
CA ILE A 255 -2.53 7.75 -1.54
C ILE A 255 -1.78 6.84 -0.57
N ALA A 256 -0.46 6.80 -0.70
CA ALA A 256 0.38 6.08 0.26
C ALA A 256 0.19 6.63 1.67
N GLY A 257 0.08 7.96 1.77
CA GLY A 257 -0.09 8.63 3.06
C GLY A 257 -1.44 8.38 3.72
N HIS A 258 -2.44 8.05 2.91
CA HIS A 258 -3.81 7.88 3.40
C HIS A 258 -4.21 6.41 3.62
N GLU A 259 -3.60 5.50 2.86
CA GLU A 259 -4.14 4.14 2.73
C GLU A 259 -3.15 2.99 2.97
N THR A 260 -2.05 3.25 3.68
CA THR A 260 -1.04 2.22 3.91
C THR A 260 -0.67 2.04 5.38
N THR A 261 0.02 3.04 5.96
CA THR A 261 0.46 2.95 7.35
C THR A 261 -0.70 2.71 8.30
N VAL A 262 -1.86 3.28 8.00
CA VAL A 262 -3.07 3.05 8.79
C VAL A 262 -3.27 1.55 9.07
N ASN A 263 -3.04 0.74 8.05
CA ASN A 263 -3.25 -0.70 8.12
C ASN A 263 -2.10 -1.45 8.76
N LEU A 264 -0.88 -0.90 8.66
CA LEU A 264 0.23 -1.45 9.44
C LEU A 264 -0.04 -1.28 10.94
N ILE A 265 -0.46 -0.08 11.32
CA ILE A 265 -0.78 0.22 12.72
C ILE A 265 -1.95 -0.63 13.21
N ALA A 266 -3.05 -0.61 12.45
CA ALA A 266 -4.27 -1.32 12.85
C ALA A 266 -4.12 -2.84 12.82
N ASN A 267 -3.48 -3.38 11.78
CA ASN A 267 -3.25 -4.82 11.69
C ASN A 267 -2.38 -5.34 12.84
N ALA A 268 -1.39 -4.54 13.22
CA ALA A 268 -0.50 -4.87 14.34
C ALA A 268 -1.25 -4.86 15.66
N ALA A 269 -2.05 -3.82 15.87
CA ALA A 269 -2.90 -3.74 17.06
C ALA A 269 -3.82 -4.96 17.16
N LEU A 270 -4.47 -5.31 16.04
CA LEU A 270 -5.37 -6.45 15.99
C LEU A 270 -4.66 -7.75 16.33
N ALA A 271 -3.50 -7.96 15.71
CA ALA A 271 -2.71 -9.18 15.92
C ALA A 271 -2.28 -9.33 17.38
N MET A 272 -1.87 -8.22 18.00
CA MET A 272 -1.48 -8.23 19.41
C MET A 272 -2.65 -8.57 20.33
N LEU A 273 -3.82 -8.02 20.01
CA LEU A 273 -5.06 -8.29 20.73
C LEU A 273 -5.55 -9.72 20.54
N ARG A 274 -5.30 -10.30 19.36
CA ARG A 274 -5.70 -11.68 19.05
C ARG A 274 -4.74 -12.74 19.60
N THR A 275 -3.52 -12.32 19.97
CA THR A 275 -2.51 -13.24 20.45
C THR A 275 -2.19 -13.00 21.93
N PRO A 276 -2.63 -13.92 22.81
CA PRO A 276 -2.52 -13.75 24.27
C PRO A 276 -1.14 -13.34 24.76
N GLY A 277 -1.08 -12.24 25.51
CA GLY A 277 0.18 -11.77 26.09
C GLY A 277 0.93 -10.74 25.26
N GLN A 278 0.61 -10.64 23.97
CA GLN A 278 1.37 -9.77 23.06
C GLN A 278 1.16 -8.27 23.31
N TRP A 279 -0.08 -7.87 23.61
CA TRP A 279 -0.37 -6.48 23.94
C TRP A 279 0.31 -6.07 25.25
N ALA A 280 0.15 -6.91 26.27
CA ALA A 280 0.76 -6.69 27.58
C ALA A 280 2.29 -6.60 27.47
N ALA A 281 2.88 -7.48 26.65
CA ALA A 281 4.33 -7.51 26.45
C ALA A 281 4.87 -6.19 25.90
N LEU A 282 4.20 -5.64 24.89
CA LEU A 282 4.58 -4.35 24.30
C LEU A 282 4.35 -3.19 25.26
N ALA A 283 3.26 -3.26 26.03
CA ALA A 283 2.95 -2.27 27.06
C ALA A 283 4.05 -2.20 28.13
N ALA A 284 4.61 -3.37 28.47
CA ALA A 284 5.67 -3.46 29.49
C ALA A 284 7.08 -3.24 28.91
N ASP A 285 7.20 -3.36 27.59
CA ASP A 285 8.49 -3.21 26.92
C ASP A 285 8.33 -2.60 25.54
N GLY A 286 8.54 -1.29 25.45
CA GLY A 286 8.39 -0.53 24.20
C GLY A 286 9.35 -0.96 23.08
N SER A 287 10.48 -1.55 23.45
CA SER A 287 11.49 -1.99 22.48
C SER A 287 11.04 -3.14 21.57
N ARG A 288 9.90 -3.75 21.90
CA ARG A 288 9.32 -4.82 21.07
C ARG A 288 8.64 -4.29 19.80
N ALA A 289 8.53 -2.97 19.70
CA ALA A 289 7.83 -2.31 18.59
C ALA A 289 8.27 -2.80 17.21
N SER A 290 9.58 -2.76 16.97
CA SER A 290 10.15 -3.16 15.67
C SER A 290 9.80 -4.61 15.30
N ALA A 291 9.96 -5.54 16.25
CA ALA A 291 9.66 -6.94 16.03
C ALA A 291 8.16 -7.18 15.75
N VAL A 292 7.30 -6.46 16.48
CA VAL A 292 5.85 -6.50 16.25
C VAL A 292 5.49 -5.99 14.84
N ILE A 293 6.18 -4.94 14.41
CA ILE A 293 5.92 -4.31 13.10
C ILE A 293 6.32 -5.22 11.94
N GLU A 294 7.54 -5.77 12.01
CA GLU A 294 8.02 -6.67 10.95
C GLU A 294 7.20 -7.94 10.87
N GLU A 295 6.80 -8.48 12.02
CA GLU A 295 5.94 -9.67 12.05
C GLU A 295 4.53 -9.38 11.51
N THR A 296 4.04 -8.17 11.74
CA THR A 296 2.77 -7.74 11.14
C THR A 296 2.89 -7.63 9.61
N MET A 297 4.02 -7.08 9.15
CA MET A 297 4.30 -6.99 7.72
C MET A 297 4.27 -8.37 7.05
N ARG A 298 4.77 -9.38 7.76
CA ARG A 298 4.74 -10.76 7.28
C ARG A 298 3.35 -11.39 7.44
N TYR A 299 2.81 -11.34 8.66
CA TYR A 299 1.59 -12.07 9.04
C TYR A 299 0.29 -11.49 8.46
N ASP A 300 0.20 -10.16 8.43
CA ASP A 300 -1.02 -9.48 7.98
C ASP A 300 -0.64 -8.23 7.18
N PRO A 301 -0.04 -8.41 5.99
CA PRO A 301 0.51 -7.30 5.21
C PRO A 301 -0.54 -6.28 4.78
N PRO A 302 -0.24 -4.98 4.94
CA PRO A 302 -1.09 -3.87 4.49
C PRO A 302 -1.32 -3.88 2.97
N VAL A 303 -0.27 -4.19 2.20
CA VAL A 303 -0.38 -4.40 0.77
C VAL A 303 -0.35 -5.90 0.53
N GLN A 304 -1.47 -6.44 0.05
CA GLN A 304 -1.68 -7.89 -0.01
C GLN A 304 -1.12 -8.53 -1.26
N LEU A 305 -1.00 -7.74 -2.33
CA LEU A 305 -0.53 -8.23 -3.61
C LEU A 305 0.07 -7.11 -4.45
N VAL A 306 0.89 -7.50 -5.42
CA VAL A 306 1.39 -6.60 -6.45
C VAL A 306 1.23 -7.26 -7.82
N SER A 307 1.39 -6.49 -8.89
CA SER A 307 1.35 -7.04 -10.24
C SER A 307 2.56 -6.62 -11.07
N ARG A 308 2.91 -7.46 -12.04
CA ARG A 308 3.91 -7.16 -13.04
C ARG A 308 3.39 -7.66 -14.37
N TYR A 309 3.94 -7.15 -15.47
CA TYR A 309 3.55 -7.60 -16.80
C TYR A 309 4.76 -8.18 -17.50
N ALA A 310 4.55 -9.25 -18.26
CA ALA A 310 5.61 -9.89 -19.01
C ALA A 310 6.02 -9.03 -20.21
N GLY A 311 7.21 -8.45 -20.13
CA GLY A 311 7.76 -7.65 -21.23
C GLY A 311 8.13 -8.49 -22.44
N ASP A 312 8.38 -9.77 -22.17
CA ASP A 312 8.63 -10.77 -23.22
CA ASP A 312 8.66 -10.77 -23.20
C ASP A 312 8.18 -12.13 -22.68
N ASP A 313 8.17 -13.14 -23.54
CA ASP A 313 7.91 -14.50 -23.10
C ASP A 313 8.93 -14.82 -22.01
N LEU A 314 8.47 -15.34 -20.88
CA LEU A 314 9.38 -15.59 -19.76
C LEU A 314 8.98 -16.83 -18.95
N THR A 315 9.95 -17.37 -18.24
CA THR A 315 9.72 -18.54 -17.38
C THR A 315 9.91 -18.22 -15.90
N ILE A 316 8.95 -18.65 -15.09
CA ILE A 316 9.03 -18.57 -13.63
C ILE A 316 8.96 -19.99 -13.08
N GLY A 317 10.10 -20.49 -12.59
CA GLY A 317 10.22 -21.89 -12.22
C GLY A 317 10.13 -22.74 -13.47
N THR A 318 9.03 -23.46 -13.63
CA THR A 318 8.77 -24.26 -14.84
C THR A 318 7.54 -23.75 -15.56
N HIS A 319 6.97 -22.66 -15.05
CA HIS A 319 5.76 -22.05 -15.60
C HIS A 319 6.10 -20.91 -16.56
N THR A 320 5.68 -21.06 -17.82
CA THR A 320 5.92 -20.04 -18.84
C THR A 320 4.78 -19.01 -18.88
N VAL A 321 5.16 -17.74 -18.97
CA VAL A 321 4.20 -16.64 -19.07
C VAL A 321 4.34 -15.97 -20.43
N PRO A 322 3.24 -15.93 -21.22
CA PRO A 322 3.30 -15.30 -22.54
C PRO A 322 3.48 -13.79 -22.43
N LYS A 323 4.21 -13.22 -23.39
CA LYS A 323 4.43 -11.78 -23.48
C LYS A 323 3.11 -11.00 -23.35
N GLY A 324 3.11 -9.97 -22.51
CA GLY A 324 1.94 -9.11 -22.37
C GLY A 324 0.96 -9.48 -21.26
N ASP A 325 1.10 -10.69 -20.73
CA ASP A 325 0.19 -11.16 -19.67
C ASP A 325 0.48 -10.54 -18.29
N THR A 326 -0.58 -10.41 -17.50
CA THR A 326 -0.47 -9.90 -16.14
C THR A 326 -0.07 -11.03 -15.19
N MET A 327 0.91 -10.75 -14.34
CA MET A 327 1.34 -11.67 -13.30
C MET A 327 1.01 -11.08 -11.93
N LEU A 328 -0.01 -11.63 -11.28
CA LEU A 328 -0.39 -11.22 -9.94
C LEU A 328 0.40 -12.00 -8.91
N LEU A 329 1.01 -11.27 -7.98
CA LEU A 329 1.83 -11.88 -6.94
C LEU A 329 1.14 -11.75 -5.60
N LEU A 330 0.70 -12.88 -5.05
CA LEU A 330 -0.02 -12.89 -3.78
C LEU A 330 0.96 -12.88 -2.62
N LEU A 331 1.42 -11.69 -2.25
CA LEU A 331 2.42 -11.51 -1.20
C LEU A 331 1.94 -12.03 0.15
N ALA A 332 0.65 -11.85 0.44
CA ALA A 332 0.08 -12.37 1.68
C ALA A 332 0.25 -13.89 1.80
N ALA A 333 0.13 -14.59 0.66
CA ALA A 333 0.33 -16.03 0.62
C ALA A 333 1.81 -16.41 0.68
N ALA A 334 2.65 -15.63 0.01
CA ALA A 334 4.10 -15.85 0.00
C ALA A 334 4.70 -15.78 1.41
N HIS A 335 4.18 -14.87 2.22
CA HIS A 335 4.67 -14.65 3.59
C HIS A 335 4.36 -15.81 4.54
N ARG A 336 3.47 -16.70 4.13
CA ARG A 336 3.11 -17.88 4.94
C ARG A 336 3.57 -19.20 4.31
N ASP A 337 4.61 -19.11 3.47
CA ASP A 337 5.21 -20.27 2.81
C ASP A 337 6.07 -21.05 3.81
N PRO A 338 5.75 -22.34 4.03
CA PRO A 338 6.50 -23.17 4.98
C PRO A 338 7.95 -23.50 4.59
N THR A 339 8.34 -23.16 3.35
CA THR A 339 9.73 -23.33 2.92
C THR A 339 10.61 -22.15 3.36
N ILE A 340 10.01 -21.06 3.79
CA ILE A 340 10.79 -19.90 4.25
C ILE A 340 10.62 -19.58 5.74
N VAL A 341 9.50 -20.01 6.34
CA VAL A 341 9.22 -19.68 7.74
C VAL A 341 8.49 -20.81 8.49
N GLY A 342 8.99 -21.12 9.69
CA GLY A 342 8.36 -22.11 10.56
C GLY A 342 7.09 -21.56 11.20
N ALA A 343 6.13 -22.45 11.48
CA ALA A 343 4.81 -22.06 12.01
C ALA A 343 4.28 -20.77 11.33
N PRO A 344 4.10 -20.82 9.99
CA PRO A 344 3.85 -19.61 9.19
C PRO A 344 2.54 -18.88 9.52
N ASP A 345 1.54 -19.63 9.98
CA ASP A 345 0.22 -19.05 10.25
C ASP A 345 0.05 -18.64 11.71
N ARG A 346 1.17 -18.46 12.41
CA ARG A 346 1.17 -17.98 13.79
C ARG A 346 1.83 -16.60 13.87
N PHE A 347 1.16 -15.67 14.55
CA PHE A 347 1.73 -14.36 14.83
C PHE A 347 2.66 -14.48 16.03
N ASP A 348 3.95 -14.31 15.78
CA ASP A 348 4.98 -14.47 16.82
C ASP A 348 6.12 -13.47 16.60
N PRO A 349 6.07 -12.32 17.29
CA PRO A 349 7.13 -11.31 17.18
C PRO A 349 8.48 -11.76 17.72
N ASP A 350 8.50 -12.88 18.46
CA ASP A 350 9.75 -13.41 19.01
C ASP A 350 10.44 -14.45 18.11
N ARG A 351 9.91 -14.64 16.89
CA ARG A 351 10.50 -15.57 15.93
C ARG A 351 11.77 -15.00 15.29
N ALA A 352 12.53 -15.88 14.65
CA ALA A 352 13.61 -15.42 13.77
C ALA A 352 12.96 -14.90 12.49
N GLN A 353 13.00 -13.58 12.31
CA GLN A 353 12.24 -12.94 11.24
C GLN A 353 12.82 -13.19 9.85
N ILE A 354 11.92 -13.31 8.88
CA ILE A 354 12.31 -13.46 7.47
C ILE A 354 12.47 -12.08 6.84
N ARG A 355 13.13 -12.05 5.69
CA ARG A 355 13.18 -10.83 4.89
C ARG A 355 11.95 -10.85 3.98
N HIS A 356 10.82 -10.40 4.53
CA HIS A 356 9.52 -10.44 3.87
C HIS A 356 9.46 -9.52 2.64
N LEU A 357 8.39 -9.67 1.86
CA LEU A 357 8.21 -8.89 0.63
C LEU A 357 7.18 -7.77 0.78
N GLY A 358 6.87 -7.42 2.01
CA GLY A 358 5.81 -6.46 2.33
C GLY A 358 6.04 -5.04 1.84
N PHE A 359 7.31 -4.69 1.64
CA PHE A 359 7.67 -3.39 1.07
C PHE A 359 8.18 -3.56 -0.36
N GLY A 360 7.91 -4.73 -0.94
CA GLY A 360 8.40 -5.08 -2.28
C GLY A 360 9.88 -5.38 -2.22
N LYS A 361 10.55 -5.27 -3.36
CA LYS A 361 12.01 -5.41 -3.42
C LYS A 361 12.57 -5.04 -4.79
N GLY A 362 13.87 -4.80 -4.84
CA GLY A 362 14.55 -4.45 -6.07
C GLY A 362 14.26 -3.03 -6.52
N ALA A 363 14.05 -2.86 -7.82
CA ALA A 363 13.93 -1.55 -8.45
C ALA A 363 12.70 -0.77 -8.01
N HIS A 364 11.71 -1.45 -7.44
CA HIS A 364 10.46 -0.81 -7.04
C HIS A 364 10.22 -0.80 -5.52
N PHE A 365 11.26 -1.09 -4.74
CA PHE A 365 11.15 -1.16 -3.28
C PHE A 365 10.54 0.11 -2.70
N CYS A 366 9.69 -0.05 -1.69
CA CYS A 366 8.97 1.06 -1.07
C CYS A 366 9.89 2.13 -0.48
N LEU A 367 9.84 3.33 -1.07
CA LEU A 367 10.63 4.45 -0.55
C LEU A 367 10.04 5.02 0.74
N GLY A 368 8.77 4.71 1.01
CA GLY A 368 8.12 5.18 2.23
C GLY A 368 8.30 4.25 3.41
N ALA A 369 9.03 3.16 3.22
CA ALA A 369 9.24 2.17 4.29
C ALA A 369 9.80 2.77 5.59
N PRO A 370 10.85 3.62 5.50
CA PRO A 370 11.33 4.27 6.73
C PRO A 370 10.26 5.10 7.43
N LEU A 371 9.49 5.88 6.67
CA LEU A 371 8.43 6.70 7.25
C LEU A 371 7.34 5.85 7.89
N ALA A 372 6.88 4.83 7.18
CA ALA A 372 5.86 3.91 7.68
C ALA A 372 6.29 3.23 8.98
N ARG A 373 7.52 2.72 8.99
CA ARG A 373 8.10 2.10 10.18
C ARG A 373 8.21 3.08 11.35
N LEU A 374 8.66 4.30 11.07
CA LEU A 374 8.78 5.32 12.10
C LEU A 374 7.41 5.68 12.70
N GLU A 375 6.42 5.89 11.84
CA GLU A 375 5.06 6.19 12.28
C GLU A 375 4.51 5.10 13.20
N ALA A 376 4.69 3.84 12.82
CA ALA A 376 4.19 2.71 13.59
C ALA A 376 5.00 2.47 14.86
N THR A 377 6.33 2.68 14.78
CA THR A 377 7.25 2.50 15.91
C THR A 377 6.97 3.49 17.05
N VAL A 378 6.45 4.66 16.71
CA VAL A 378 6.06 5.63 17.72
C VAL A 378 4.63 5.31 18.22
N ALA A 379 3.71 5.05 17.29
CA ALA A 379 2.30 4.87 17.60
C ALA A 379 1.98 3.66 18.47
N LEU A 380 2.49 2.49 18.10
CA LEU A 380 2.10 1.23 18.75
C LEU A 380 2.50 1.10 20.23
N PRO A 381 3.78 1.31 20.57
CA PRO A 381 4.15 1.20 21.99
C PRO A 381 3.51 2.26 22.88
N ALA A 382 3.28 3.45 22.34
CA ALA A 382 2.59 4.50 23.09
C ALA A 382 1.14 4.08 23.32
N LEU A 383 0.53 3.48 22.30
CA LEU A 383 -0.85 2.99 22.38
C LEU A 383 -1.00 1.89 23.43
N ALA A 384 -0.08 0.92 23.42
CA ALA A 384 -0.08 -0.18 24.39
C ALA A 384 0.21 0.30 25.81
N ALA A 385 1.19 1.20 25.95
CA ALA A 385 1.55 1.76 27.26
C ALA A 385 0.43 2.61 27.87
N ARG A 386 -0.26 3.37 27.02
CA ARG A 386 -1.38 4.21 27.45
C ARG A 386 -2.55 3.35 27.95
N PHE A 387 -2.82 2.27 27.22
CA PHE A 387 -3.93 1.37 27.55
C PHE A 387 -3.46 -0.08 27.65
N PRO A 388 -2.80 -0.45 28.78
CA PRO A 388 -2.36 -1.83 28.95
C PRO A 388 -3.51 -2.82 29.13
N GLU A 389 -4.67 -2.32 29.56
CA GLU A 389 -5.85 -3.13 29.83
C GLU A 389 -6.69 -3.40 28.57
N ALA A 390 -6.21 -2.90 27.43
CA ALA A 390 -6.97 -2.92 26.17
C ALA A 390 -7.45 -4.31 25.75
N ARG A 391 -8.67 -4.34 25.21
CA ARG A 391 -9.29 -5.56 24.71
C ARG A 391 -10.03 -5.26 23.41
N LEU A 392 -9.93 -6.17 22.44
CA LEU A 392 -10.76 -6.11 21.24
C LEU A 392 -12.20 -6.37 21.65
N SER A 393 -13.07 -5.39 21.43
CA SER A 393 -14.46 -5.47 21.93
C SER A 393 -15.40 -6.24 21.01
N GLY A 394 -15.12 -6.21 19.70
CA GLY A 394 -15.93 -6.95 18.73
C GLY A 394 -15.14 -7.24 17.48
N GLU A 395 -15.70 -8.08 16.61
CA GLU A 395 -15.06 -8.41 15.33
C GLU A 395 -14.96 -7.16 14.46
N PRO A 396 -13.78 -6.92 13.86
CA PRO A 396 -13.55 -5.69 13.10
C PRO A 396 -14.30 -5.60 11.77
N GLU A 397 -14.48 -4.37 11.31
CA GLU A 397 -15.17 -4.07 10.08
C GLU A 397 -14.15 -3.71 8.99
N TYR A 398 -14.23 -4.42 7.86
CA TYR A 398 -13.26 -4.24 6.77
C TYR A 398 -13.82 -3.49 5.57
N LYS A 399 -12.95 -2.76 4.89
CA LYS A 399 -13.26 -2.15 3.60
C LYS A 399 -13.34 -3.21 2.51
N ARG A 400 -13.87 -2.84 1.35
CA ARG A 400 -13.94 -3.72 0.19
C ARG A 400 -12.57 -4.02 -0.42
N ASN A 401 -11.60 -3.12 -0.18
CA ASN A 401 -10.26 -3.20 -0.77
C ASN A 401 -9.61 -4.57 -0.60
N LEU A 402 -9.08 -5.12 -1.69
CA LEU A 402 -8.34 -6.38 -1.65
C LEU A 402 -6.83 -6.13 -1.58
N THR A 403 -6.33 -5.24 -2.42
CA THR A 403 -4.90 -4.94 -2.51
C THR A 403 -4.42 -4.12 -1.31
N LEU A 404 -4.99 -2.93 -1.15
CA LEU A 404 -4.71 -2.08 0.02
C LEU A 404 -5.76 -2.36 1.09
N ARG A 405 -5.73 -3.59 1.61
CA ARG A 405 -6.75 -4.12 2.51
C ARG A 405 -6.60 -3.55 3.91
N GLY A 406 -7.73 -3.16 4.50
CA GLY A 406 -7.72 -2.63 5.85
C GLY A 406 -9.08 -2.53 6.50
N MET A 407 -9.05 -2.22 7.79
CA MET A 407 -10.26 -2.04 8.60
C MET A 407 -10.74 -0.59 8.55
N SER A 408 -12.07 -0.41 8.55
CA SER A 408 -12.68 0.89 8.76
C SER A 408 -13.06 1.08 10.23
N THR A 409 -13.31 -0.03 10.93
CA THR A 409 -13.56 -0.01 12.38
C THR A 409 -12.76 -1.10 13.09
N LEU A 410 -11.95 -0.67 14.07
CA LEU A 410 -11.26 -1.56 14.99
C LEU A 410 -11.56 -1.07 16.40
N SER A 411 -12.50 -1.73 17.06
CA SER A 411 -13.04 -1.27 18.33
C SER A 411 -12.24 -1.85 19.50
N ILE A 412 -11.75 -0.95 20.36
CA ILE A 412 -10.93 -1.34 21.51
C ILE A 412 -11.57 -0.87 22.82
N ALA A 413 -11.78 -1.82 23.73
CA ALA A 413 -12.30 -1.54 25.06
C ALA A 413 -11.22 -1.01 26.00
N VAL A 414 -11.56 0.06 26.72
CA VAL A 414 -10.67 0.70 27.68
C VAL A 414 -11.49 1.08 28.92
#